data_4NBZ
#
_entry.id   4NBZ
#
_cell.length_a   60.002
_cell.length_b   60.002
_cell.length_c   133.935
_cell.angle_alpha   90.00
_cell.angle_beta   90.00
_cell.angle_gamma   120.00
#
_symmetry.space_group_name_H-M   'P 32'
#
loop_
_entity.id
_entity.type
_entity.pdbx_description
1 polymer TcdA
2 polymer 'A26.8 VHH'
3 water water
#
loop_
_entity_poly.entity_id
_entity_poly.type
_entity_poly.pdbx_seq_one_letter_code
_entity_poly.pdbx_strand_id
1 'polypeptide(L)'
;MHHHHHHTGWVTIDGRRYYFEPNTAIGANGYKIIDNKNFYFRNGLPQIGVFKGPNGFEYFAPANTDANNIDGQAIRYQNR
FLHLLGNIYYFGNNSKAVTGWQTINGNMYYFMPDTAMAAAGGLFEIDGVIYFFGVDGVKAPGIY
;
A,C
2 'polypeptide(L)'
;QVKLEESGGGLVQAGGSLRLSCAASERTFSRYPVAWFRQAPGAEREFVAVISSTGTSTYYADSVKGRFTISRDNAKVTVY
LQMNNLKREDTAVYFCAVNSQRTRLQDPNEYDYWGQGTQVTVSSGSEQKLISEGSEQKLISEEDLNHHHHHH
;
B,D
#
# COMPACT_ATOMS: atom_id res chain seq x y z
N GLY A 9 0.87 -22.18 -24.65
CA GLY A 9 0.49 -23.21 -23.65
C GLY A 9 1.24 -23.07 -22.34
N TRP A 10 1.18 -24.11 -21.52
CA TRP A 10 1.81 -24.12 -20.20
C TRP A 10 3.32 -24.35 -20.26
N VAL A 11 4.08 -23.46 -19.65
CA VAL A 11 5.52 -23.66 -19.45
C VAL A 11 5.88 -23.41 -18.00
N THR A 12 6.94 -24.08 -17.52
CA THR A 12 7.42 -23.88 -16.17
C THR A 12 8.72 -23.08 -16.19
N ILE A 13 8.73 -21.97 -15.44
CA ILE A 13 9.92 -21.12 -15.31
C ILE A 13 10.25 -20.97 -13.82
N ASP A 14 11.47 -21.37 -13.45
CA ASP A 14 11.96 -21.40 -12.07
C ASP A 14 11.26 -22.47 -11.22
N GLY A 15 9.93 -22.42 -11.17
CA GLY A 15 9.14 -23.39 -10.42
C GLY A 15 7.63 -23.22 -10.62
N ARG A 16 7.24 -22.08 -11.18
CA ARG A 16 5.83 -21.74 -11.36
C ARG A 16 5.36 -21.91 -12.81
N ARG A 17 4.11 -22.30 -12.98
CA ARG A 17 3.52 -22.50 -14.31
C ARG A 17 2.92 -21.21 -14.88
N TYR A 18 3.28 -20.92 -16.13
CA TYR A 18 2.77 -19.77 -16.86
C TYR A 18 2.07 -20.23 -18.14
N TYR A 19 1.11 -19.44 -18.61
CA TYR A 19 0.39 -19.75 -19.85
C TYR A 19 0.56 -18.64 -20.90
N PHE A 20 0.90 -19.06 -22.12
CA PHE A 20 1.12 -18.13 -23.23
C PHE A 20 0.13 -18.41 -24.34
N GLU A 21 -0.37 -17.34 -24.97
CA GLU A 21 -1.25 -17.47 -26.14
C GLU A 21 -0.45 -17.93 -27.37
N PRO A 22 -1.08 -18.73 -28.26
CA PRO A 22 -0.39 -19.28 -29.42
C PRO A 22 0.05 -18.23 -30.46
N ASN A 23 -0.26 -16.96 -30.20
CA ASN A 23 0.06 -15.87 -31.12
C ASN A 23 1.08 -14.87 -30.55
N THR A 24 1.48 -15.07 -29.30
CA THR A 24 2.39 -14.15 -28.61
C THR A 24 3.65 -14.84 -28.06
N ALA A 25 4.47 -14.05 -27.36
CA ALA A 25 5.66 -14.54 -26.68
C ALA A 25 5.70 -14.05 -25.23
N ILE A 26 4.73 -13.20 -24.86
CA ILE A 26 4.53 -12.78 -23.47
C ILE A 26 3.22 -13.34 -22.92
N GLY A 27 3.21 -13.58 -21.61
CA GLY A 27 2.12 -14.32 -20.94
C GLY A 27 0.73 -13.73 -21.06
N ALA A 28 -0.27 -14.61 -20.98
CA ALA A 28 -1.69 -14.23 -21.11
C ALA A 28 -2.13 -13.28 -19.99
N ASN A 29 -3.20 -12.54 -20.26
CA ASN A 29 -3.77 -11.60 -19.30
C ASN A 29 -5.29 -11.64 -19.33
N GLY A 30 -5.90 -11.66 -18.16
CA GLY A 30 -7.36 -11.61 -18.05
C GLY A 30 -8.01 -12.97 -17.95
N TYR A 31 -9.35 -12.96 -18.03
CA TYR A 31 -10.16 -14.16 -17.94
C TYR A 31 -9.94 -15.05 -19.17
N LYS A 32 -9.76 -16.35 -18.92
CA LYS A 32 -9.55 -17.34 -19.99
C LYS A 32 -10.22 -18.67 -19.66
N ILE A 33 -10.85 -19.26 -20.67
CA ILE A 33 -11.36 -20.64 -20.57
C ILE A 33 -10.33 -21.55 -21.25
N ILE A 34 -9.83 -22.53 -20.48
CA ILE A 34 -8.88 -23.52 -21.00
C ILE A 34 -9.39 -24.92 -20.63
N ASP A 35 -9.75 -25.70 -21.64
CA ASP A 35 -10.20 -27.09 -21.43
C ASP A 35 -11.14 -27.20 -20.22
N ASN A 36 -12.30 -26.55 -20.32
CA ASN A 36 -13.33 -26.52 -19.27
C ASN A 36 -12.95 -25.93 -17.90
N LYS A 37 -11.78 -25.29 -17.83
CA LYS A 37 -11.33 -24.64 -16.60
C LYS A 37 -11.29 -23.13 -16.78
N ASN A 38 -11.56 -22.39 -15.72
CA ASN A 38 -11.50 -20.92 -15.77
C ASN A 38 -10.33 -20.38 -14.97
N PHE A 39 -9.65 -19.38 -15.53
CA PHE A 39 -8.52 -18.74 -14.90
C PHE A 39 -8.60 -17.25 -15.16
N TYR A 40 -7.86 -16.49 -14.37
CA TYR A 40 -7.68 -15.06 -14.58
C TYR A 40 -6.18 -14.78 -14.49
N PHE A 41 -5.57 -14.47 -15.62
CA PHE A 41 -4.10 -14.38 -15.73
C PHE A 41 -3.50 -12.98 -15.58
N ARG A 42 -2.28 -12.94 -15.04
CA ARG A 42 -1.47 -11.71 -15.05
C ARG A 42 -0.05 -12.04 -15.51
N ASN A 43 0.28 -11.56 -16.71
CA ASN A 43 1.54 -11.89 -17.38
C ASN A 43 1.84 -13.40 -17.34
N GLY A 44 0.84 -14.19 -17.69
CA GLY A 44 0.95 -15.64 -17.74
C GLY A 44 0.63 -16.38 -16.44
N LEU A 45 0.67 -15.67 -15.32
CA LEU A 45 0.49 -16.33 -14.02
C LEU A 45 -0.97 -16.31 -13.59
N PRO A 46 -1.55 -17.49 -13.27
CA PRO A 46 -2.92 -17.47 -12.80
C PRO A 46 -3.00 -16.71 -11.48
N GLN A 47 -4.04 -15.89 -11.34
CA GLN A 47 -4.23 -15.08 -10.16
C GLN A 47 -5.24 -15.69 -9.22
N ILE A 48 -4.98 -15.58 -7.92
CA ILE A 48 -5.93 -16.02 -6.91
C ILE A 48 -6.75 -14.82 -6.47
N GLY A 49 -8.08 -14.95 -6.48
CA GLY A 49 -8.95 -13.86 -6.05
C GLY A 49 -10.36 -13.97 -6.58
N VAL A 50 -11.10 -12.86 -6.53
CA VAL A 50 -12.49 -12.87 -7.00
C VAL A 50 -12.58 -11.88 -8.14
N PHE A 51 -12.70 -12.39 -9.36
CA PHE A 51 -12.64 -11.56 -10.55
C PHE A 51 -13.85 -11.75 -11.45
N LYS A 52 -14.13 -10.74 -12.27
CA LYS A 52 -15.29 -10.76 -13.16
C LYS A 52 -15.05 -11.58 -14.42
N GLY A 53 -15.93 -12.55 -14.65
CA GLY A 53 -15.96 -13.32 -15.90
C GLY A 53 -17.21 -12.92 -16.66
N PRO A 54 -17.57 -13.70 -17.71
CA PRO A 54 -18.72 -13.37 -18.57
C PRO A 54 -20.11 -13.55 -17.96
N ASN A 55 -20.20 -14.18 -16.79
CA ASN A 55 -21.49 -14.33 -16.10
C ASN A 55 -21.38 -13.97 -14.60
N GLY A 56 -20.50 -13.02 -14.30
CA GLY A 56 -20.30 -12.53 -12.94
C GLY A 56 -18.97 -12.87 -12.29
N PHE A 57 -18.87 -12.56 -10.99
CA PHE A 57 -17.61 -12.72 -10.27
C PHE A 57 -17.44 -14.18 -9.83
N GLU A 58 -16.29 -14.75 -10.14
CA GLU A 58 -15.96 -16.13 -9.73
C GLU A 58 -14.83 -16.15 -8.70
N TYR A 59 -14.77 -17.24 -7.94
CA TYR A 59 -13.68 -17.45 -7.00
C TYR A 59 -12.59 -18.28 -7.65
N PHE A 60 -11.47 -17.64 -7.98
CA PHE A 60 -10.31 -18.32 -8.54
C PHE A 60 -9.41 -18.69 -7.38
N ALA A 61 -9.50 -19.95 -6.97
CA ALA A 61 -9.07 -20.34 -5.63
C ALA A 61 -7.65 -20.90 -5.49
N PRO A 62 -7.08 -20.83 -4.27
CA PRO A 62 -5.84 -21.56 -3.99
C PRO A 62 -6.04 -23.04 -4.30
N ALA A 63 -4.97 -23.72 -4.67
CA ALA A 63 -5.03 -25.14 -5.02
C ALA A 63 -5.62 -25.99 -3.91
N ASN A 64 -6.36 -27.03 -4.31
CA ASN A 64 -6.96 -28.00 -3.38
C ASN A 64 -7.94 -27.37 -2.36
N THR A 65 -8.68 -26.38 -2.82
CA THR A 65 -9.80 -25.81 -2.06
C THR A 65 -11.06 -26.61 -2.35
N ASP A 66 -11.24 -27.04 -3.60
CA ASP A 66 -12.39 -27.85 -4.00
C ASP A 66 -12.09 -28.74 -5.22
N ALA A 67 -12.44 -30.02 -5.11
CA ALA A 67 -12.28 -30.98 -6.20
C ALA A 67 -10.89 -30.95 -6.82
N ASN A 68 -9.86 -30.89 -5.96
CA ASN A 68 -8.46 -30.84 -6.39
C ASN A 68 -8.13 -29.79 -7.47
N ASN A 69 -8.70 -28.60 -7.34
CA ASN A 69 -8.37 -27.50 -8.25
C ASN A 69 -6.89 -27.11 -8.13
N ILE A 70 -6.34 -26.53 -9.19
CA ILE A 70 -4.98 -25.97 -9.13
C ILE A 70 -5.05 -24.49 -8.77
N ASP A 71 -3.90 -23.89 -8.43
CA ASP A 71 -3.86 -22.47 -8.04
C ASP A 71 -4.51 -21.60 -9.12
N GLY A 72 -5.47 -20.78 -8.70
CA GLY A 72 -6.12 -19.84 -9.62
C GLY A 72 -7.29 -20.39 -10.42
N GLN A 73 -7.53 -21.70 -10.34
CA GLN A 73 -8.68 -22.29 -11.05
C GLN A 73 -10.00 -21.95 -10.35
N ALA A 74 -10.99 -21.53 -11.15
CA ALA A 74 -12.30 -21.21 -10.60
C ALA A 74 -12.95 -22.49 -10.07
N ILE A 75 -13.69 -22.35 -8.96
CA ILE A 75 -14.27 -23.50 -8.28
C ILE A 75 -15.75 -23.31 -7.99
N ARG A 76 -16.43 -24.43 -7.73
CA ARG A 76 -17.75 -24.43 -7.10
C ARG A 76 -17.56 -23.83 -5.72
N TYR A 77 -18.48 -22.96 -5.31
CA TYR A 77 -18.40 -22.33 -3.98
C TYR A 77 -19.76 -21.75 -3.69
N GLN A 78 -20.63 -22.55 -3.05
CA GLN A 78 -22.06 -22.25 -2.97
C GLN A 78 -22.56 -21.76 -1.61
N ASN A 79 -23.38 -20.71 -1.65
CA ASN A 79 -24.19 -20.28 -0.50
C ASN A 79 -23.35 -20.05 0.74
N ARG A 80 -22.28 -19.26 0.60
CA ARG A 80 -21.37 -19.03 1.73
C ARG A 80 -20.54 -17.77 1.59
N PHE A 81 -20.07 -17.26 2.73
CA PHE A 81 -19.13 -16.15 2.78
C PHE A 81 -17.70 -16.59 2.45
N LEU A 82 -16.88 -15.64 2.01
CA LEU A 82 -15.44 -15.82 1.84
C LEU A 82 -14.70 -14.60 2.39
N HIS A 83 -13.66 -14.83 3.18
CA HIS A 83 -12.72 -13.78 3.56
C HIS A 83 -11.47 -13.96 2.74
N LEU A 84 -11.14 -12.96 1.93
CA LEU A 84 -9.98 -13.08 1.07
C LEU A 84 -9.19 -11.79 1.15
N LEU A 85 -7.96 -11.89 1.67
CA LEU A 85 -7.09 -10.73 1.90
C LEU A 85 -7.83 -9.61 2.64
N GLY A 86 -8.68 -10.00 3.59
CA GLY A 86 -9.39 -9.05 4.45
C GLY A 86 -10.67 -8.48 3.87
N ASN A 87 -10.96 -8.84 2.62
CA ASN A 87 -12.18 -8.43 1.93
C ASN A 87 -13.28 -9.48 2.12
N ILE A 88 -14.52 -9.05 2.28
CA ILE A 88 -15.63 -9.95 2.54
C ILE A 88 -16.52 -10.11 1.31
N TYR A 89 -16.76 -11.35 0.92
CA TYR A 89 -17.60 -11.68 -0.23
C TYR A 89 -18.69 -12.64 0.23
N TYR A 90 -19.79 -12.69 -0.52
CA TYR A 90 -20.77 -13.75 -0.36
C TYR A 90 -21.08 -14.38 -1.72
N PHE A 91 -21.04 -15.71 -1.76
CA PHE A 91 -21.34 -16.48 -2.97
C PHE A 91 -22.72 -17.14 -2.94
N GLY A 92 -23.51 -16.91 -4.00
CA GLY A 92 -24.84 -17.48 -4.15
C GLY A 92 -24.88 -18.95 -4.57
N ASN A 93 -26.07 -19.43 -4.91
CA ASN A 93 -26.27 -20.85 -5.22
C ASN A 93 -25.52 -21.26 -6.48
N ASN A 94 -25.32 -20.28 -7.37
CA ASN A 94 -24.66 -20.51 -8.65
C ASN A 94 -23.14 -20.28 -8.61
N SER A 95 -22.57 -20.20 -7.40
CA SER A 95 -21.11 -19.99 -7.23
C SER A 95 -20.59 -18.68 -7.83
N LYS A 96 -21.43 -17.65 -7.84
CA LYS A 96 -21.02 -16.33 -8.25
C LYS A 96 -21.16 -15.38 -7.07
N ALA A 97 -20.22 -14.45 -6.94
CA ALA A 97 -20.29 -13.48 -5.82
C ALA A 97 -21.46 -12.55 -6.05
N VAL A 98 -22.27 -12.31 -5.01
CA VAL A 98 -23.42 -11.40 -5.14
C VAL A 98 -22.95 -9.95 -5.11
N THR A 99 -23.74 -9.06 -5.71
CA THR A 99 -23.45 -7.63 -5.66
C THR A 99 -24.69 -6.86 -5.22
N GLY A 100 -24.50 -5.60 -4.85
CA GLY A 100 -25.61 -4.74 -4.46
C GLY A 100 -26.13 -5.08 -3.08
N TRP A 101 -27.35 -4.63 -2.77
CA TRP A 101 -27.97 -4.89 -1.48
C TRP A 101 -28.37 -6.35 -1.37
N GLN A 102 -28.01 -6.98 -0.26
CA GLN A 102 -28.35 -8.38 -0.02
C GLN A 102 -28.75 -8.59 1.42
N THR A 103 -29.77 -9.43 1.64
CA THR A 103 -30.11 -9.85 2.99
C THR A 103 -29.68 -11.31 3.18
N ILE A 104 -28.76 -11.54 4.10
CA ILE A 104 -28.23 -12.87 4.34
C ILE A 104 -28.33 -13.20 5.83
N ASN A 105 -29.06 -14.28 6.14
CA ASN A 105 -29.30 -14.72 7.52
C ASN A 105 -29.86 -13.60 8.40
N GLY A 106 -30.80 -12.84 7.83
CA GLY A 106 -31.46 -11.76 8.54
C GLY A 106 -30.74 -10.42 8.57
N ASN A 107 -29.48 -10.40 8.12
CA ASN A 107 -28.65 -9.17 8.10
C ASN A 107 -28.47 -8.58 6.70
N MET A 108 -28.48 -7.26 6.61
CA MET A 108 -28.25 -6.61 5.33
C MET A 108 -26.78 -6.23 5.10
N TYR A 109 -26.35 -6.44 3.87
CA TYR A 109 -25.00 -6.10 3.41
C TYR A 109 -25.09 -5.31 2.11
N TYR A 110 -24.04 -4.56 1.78
CA TYR A 110 -23.95 -3.99 0.45
C TYR A 110 -22.63 -4.39 -0.18
N PHE A 111 -22.70 -5.14 -1.28
CA PHE A 111 -21.49 -5.56 -1.97
C PHE A 111 -21.19 -4.63 -3.12
N MET A 112 -19.99 -4.07 -3.12
CA MET A 112 -19.59 -3.00 -4.04
C MET A 112 -19.57 -3.44 -5.51
N PRO A 113 -19.95 -2.55 -6.43
CA PRO A 113 -20.20 -3.00 -7.80
C PRO A 113 -18.93 -3.36 -8.58
N ASP A 114 -17.81 -2.70 -8.29
CA ASP A 114 -16.59 -2.94 -9.08
C ASP A 114 -15.80 -4.18 -8.64
N THR A 115 -16.04 -4.63 -7.42
CA THR A 115 -15.22 -5.68 -6.79
C THR A 115 -16.03 -6.83 -6.16
N ALA A 116 -17.31 -6.60 -5.88
CA ALA A 116 -18.16 -7.55 -5.12
C ALA A 116 -17.78 -7.65 -3.63
N MET A 117 -16.89 -6.78 -3.18
CA MET A 117 -16.50 -6.74 -1.75
C MET A 117 -17.53 -5.99 -0.91
N ALA A 118 -17.79 -6.49 0.30
CA ALA A 118 -18.74 -5.85 1.21
C ALA A 118 -18.24 -4.50 1.70
N ALA A 119 -19.09 -3.48 1.60
CA ALA A 119 -18.89 -2.22 2.32
C ALA A 119 -18.79 -2.52 3.81
N ALA A 120 -17.73 -2.01 4.44
CA ALA A 120 -17.50 -2.30 5.86
C ALA A 120 -16.68 -1.20 6.54
N GLY A 121 -16.90 -1.04 7.84
CA GLY A 121 -16.09 -0.16 8.67
C GLY A 121 -16.44 1.32 8.69
N GLY A 122 -17.74 1.61 8.59
CA GLY A 122 -18.27 2.97 8.78
C GLY A 122 -19.28 3.44 7.74
N LEU A 123 -19.29 4.75 7.49
CA LEU A 123 -20.27 5.38 6.61
C LEU A 123 -19.88 5.26 5.14
N PHE A 124 -20.84 4.92 4.30
CA PHE A 124 -20.63 4.89 2.85
C PHE A 124 -21.77 5.65 2.18
N GLU A 125 -21.49 6.31 1.05
CA GLU A 125 -22.58 6.82 0.22
C GLU A 125 -22.89 5.78 -0.85
N ILE A 126 -24.15 5.33 -0.87
CA ILE A 126 -24.61 4.33 -1.83
C ILE A 126 -25.96 4.80 -2.38
N ASP A 127 -26.11 4.81 -3.70
CA ASP A 127 -27.37 5.24 -4.33
C ASP A 127 -27.75 6.66 -3.84
N GLY A 128 -26.76 7.53 -3.66
CA GLY A 128 -26.98 8.90 -3.16
C GLY A 128 -27.33 9.09 -1.67
N VAL A 129 -27.35 8.00 -0.91
CA VAL A 129 -27.74 8.05 0.51
C VAL A 129 -26.59 7.56 1.41
N ILE A 130 -26.45 8.15 2.60
CA ILE A 130 -25.42 7.71 3.54
C ILE A 130 -25.93 6.56 4.42
N TYR A 131 -25.18 5.45 4.46
CA TYR A 131 -25.49 4.30 5.33
C TYR A 131 -24.30 3.96 6.23
N PHE A 132 -24.56 3.22 7.32
CA PHE A 132 -23.49 2.76 8.23
C PHE A 132 -23.34 1.25 8.17
N PHE A 133 -22.10 0.81 8.00
CA PHE A 133 -21.75 -0.61 8.00
C PHE A 133 -20.77 -0.91 9.13
N GLY A 134 -21.11 -1.94 9.92
CA GLY A 134 -20.18 -2.50 10.91
C GLY A 134 -18.88 -3.01 10.31
N VAL A 135 -17.93 -3.38 11.19
CA VAL A 135 -16.64 -3.89 10.72
C VAL A 135 -16.84 -5.23 9.99
N ASP A 136 -17.95 -5.90 10.30
CA ASP A 136 -18.30 -7.19 9.70
C ASP A 136 -19.11 -7.06 8.40
N GLY A 137 -19.31 -5.83 7.95
CA GLY A 137 -20.14 -5.57 6.76
C GLY A 137 -21.64 -5.44 6.98
N VAL A 138 -22.12 -5.73 8.19
CA VAL A 138 -23.55 -5.65 8.49
C VAL A 138 -24.03 -4.20 8.58
N LYS A 139 -25.12 -3.91 7.85
CA LYS A 139 -25.76 -2.60 7.90
C LYS A 139 -26.39 -2.37 9.28
N ALA A 140 -26.04 -1.26 9.90
CA ALA A 140 -26.56 -0.89 11.22
C ALA A 140 -27.96 -0.30 11.11
N PRO A 141 -28.77 -0.42 12.19
CA PRO A 141 -30.14 0.08 12.18
C PRO A 141 -30.24 1.60 12.20
N GLY A 142 -31.37 2.12 11.76
CA GLY A 142 -31.64 3.56 11.84
C GLY A 142 -31.30 4.33 10.59
N ILE A 143 -31.29 5.65 10.72
CA ILE A 143 -31.13 6.58 9.62
C ILE A 143 -29.83 7.36 9.84
N TYR A 144 -29.01 7.48 8.79
CA TYR A 144 -27.70 8.13 8.89
C TYR A 144 -27.57 9.40 8.07
N VAL B 2 -9.26 19.01 -9.13
CA VAL B 2 -10.30 19.40 -8.13
C VAL B 2 -9.68 20.27 -7.04
N LYS B 3 -9.75 21.60 -7.23
CA LYS B 3 -9.24 22.55 -6.26
C LYS B 3 -10.38 23.13 -5.41
N LEU B 4 -10.12 23.23 -4.10
CA LEU B 4 -11.10 23.68 -3.12
C LEU B 4 -10.64 24.95 -2.42
N GLU B 5 -11.52 25.94 -2.40
CA GLU B 5 -11.23 27.23 -1.78
C GLU B 5 -12.22 27.47 -0.66
N GLU B 6 -11.70 27.68 0.54
CA GLU B 6 -12.53 27.92 1.73
C GLU B 6 -12.63 29.41 2.02
N SER B 7 -13.76 29.80 2.61
CA SER B 7 -13.94 31.18 3.06
C SER B 7 -14.93 31.25 4.22
N GLY B 8 -14.94 32.40 4.90
CA GLY B 8 -15.93 32.66 5.94
C GLY B 8 -15.39 32.67 7.36
N GLY B 9 -14.10 32.41 7.52
CA GLY B 9 -13.49 32.28 8.83
C GLY B 9 -13.42 33.56 9.63
N GLY B 10 -13.23 33.41 10.92
CA GLY B 10 -13.05 34.56 11.78
C GLY B 10 -13.46 34.29 13.20
N LEU B 11 -14.04 35.30 13.84
CA LEU B 11 -14.32 35.29 15.27
C LEU B 11 -15.79 35.63 15.52
N VAL B 12 -16.40 34.87 16.43
CA VAL B 12 -17.77 35.06 16.85
C VAL B 12 -17.88 34.88 18.38
N GLN B 13 -18.88 35.53 19.00
CA GLN B 13 -19.15 35.30 20.42
C GLN B 13 -19.93 34.00 20.61
N ALA B 14 -19.76 33.37 21.77
CA ALA B 14 -20.55 32.19 22.16
C ALA B 14 -22.05 32.41 21.93
N GLY B 15 -22.71 31.41 21.34
CA GLY B 15 -24.13 31.50 21.01
C GLY B 15 -24.39 32.05 19.62
N GLY B 16 -23.36 32.60 19.00
CA GLY B 16 -23.47 33.23 17.68
C GLY B 16 -23.44 32.23 16.54
N SER B 17 -23.52 32.76 15.32
CA SER B 17 -23.56 31.95 14.09
C SER B 17 -22.44 32.35 13.13
N LEU B 18 -21.99 31.41 12.31
CA LEU B 18 -20.98 31.66 11.30
C LEU B 18 -21.17 30.64 10.17
N ARG B 19 -21.07 31.10 8.93
CA ARG B 19 -21.20 30.19 7.78
C ARG B 19 -19.89 30.09 7.01
N LEU B 20 -19.39 28.87 6.83
CA LEU B 20 -18.18 28.64 6.06
C LEU B 20 -18.53 28.14 4.68
N SER B 21 -17.70 28.46 3.68
CA SER B 21 -17.93 28.05 2.29
C SER B 21 -16.77 27.22 1.79
N CYS B 22 -17.07 26.24 0.93
CA CYS B 22 -16.05 25.41 0.30
C CYS B 22 -16.37 25.34 -1.18
N ALA B 23 -15.66 26.15 -1.98
CA ALA B 23 -15.99 26.31 -3.40
C ALA B 23 -15.03 25.54 -4.30
N ALA B 24 -15.56 24.75 -5.22
CA ALA B 24 -14.72 23.94 -6.10
C ALA B 24 -14.51 24.59 -7.46
N SER B 25 -13.42 24.21 -8.10
CA SER B 25 -13.00 24.80 -9.37
C SER B 25 -13.53 24.04 -10.58
N GLU B 26 -14.14 22.89 -10.35
CA GLU B 26 -14.63 22.01 -11.42
C GLU B 26 -15.98 21.38 -11.08
N ARG B 27 -16.78 21.14 -12.12
CA ARG B 27 -18.13 20.58 -12.00
C ARG B 27 -18.18 19.15 -11.42
N THR B 28 -17.06 18.43 -11.49
CA THR B 28 -16.95 17.04 -11.00
C THR B 28 -17.18 16.93 -9.47
N PHE B 29 -16.90 18.03 -8.76
CA PHE B 29 -17.14 18.17 -7.32
C PHE B 29 -18.55 17.73 -6.94
N SER B 30 -19.52 18.11 -7.77
CA SER B 30 -20.93 17.83 -7.51
C SER B 30 -21.28 16.33 -7.50
N ARG B 31 -20.41 15.50 -8.05
CA ARG B 31 -20.62 14.04 -8.13
C ARG B 31 -20.21 13.29 -6.87
N TYR B 32 -19.55 13.98 -5.93
CA TYR B 32 -18.93 13.31 -4.77
C TYR B 32 -19.40 13.84 -3.41
N PRO B 33 -19.34 12.98 -2.36
CA PRO B 33 -19.64 13.45 -1.01
C PRO B 33 -18.52 14.35 -0.51
N VAL B 34 -18.89 15.32 0.32
CA VAL B 34 -17.97 16.34 0.79
C VAL B 34 -18.11 16.47 2.30
N ALA B 35 -16.98 16.50 3.01
CA ALA B 35 -17.03 16.58 4.48
C ALA B 35 -16.32 17.81 5.02
N TRP B 36 -16.68 18.20 6.25
CA TRP B 36 -15.88 19.13 7.04
C TRP B 36 -15.20 18.37 8.17
N PHE B 37 -13.93 18.65 8.36
CA PHE B 37 -13.16 18.18 9.53
C PHE B 37 -12.63 19.42 10.24
N ARG B 38 -12.33 19.30 11.54
CA ARG B 38 -11.72 20.42 12.28
C ARG B 38 -10.53 19.94 13.11
N GLN B 39 -9.57 20.83 13.30
CA GLN B 39 -8.31 20.47 13.95
C GLN B 39 -7.86 21.57 14.90
N ALA B 40 -7.66 21.20 16.16
CA ALA B 40 -7.01 22.06 17.15
C ALA B 40 -5.48 21.97 16.94
N PRO B 41 -4.73 22.98 17.44
CA PRO B 41 -3.27 22.99 17.24
C PRO B 41 -2.58 21.75 17.81
N GLY B 42 -1.78 21.09 16.96
CA GLY B 42 -1.03 19.89 17.35
C GLY B 42 -1.86 18.62 17.43
N ALA B 43 -3.16 18.75 17.23
CA ALA B 43 -4.11 17.63 17.33
C ALA B 43 -4.46 17.05 15.97
N GLU B 44 -5.35 16.04 15.95
CA GLU B 44 -5.76 15.41 14.69
C GLU B 44 -7.05 16.01 14.12
N ARG B 45 -7.28 15.77 12.82
CA ARG B 45 -8.44 16.30 12.10
C ARG B 45 -9.67 15.47 12.43
N GLU B 46 -10.54 16.01 13.29
CA GLU B 46 -11.72 15.29 13.75
C GLU B 46 -12.95 15.56 12.86
N PHE B 47 -13.76 14.52 12.68
CA PHE B 47 -14.95 14.59 11.80
C PHE B 47 -15.99 15.55 12.37
N VAL B 48 -16.57 16.37 11.50
CA VAL B 48 -17.66 17.28 11.89
C VAL B 48 -18.99 16.92 11.22
N ALA B 49 -18.97 16.86 9.89
CA ALA B 49 -20.17 16.63 9.08
C ALA B 49 -19.81 16.18 7.68
N VAL B 50 -20.72 15.44 7.03
CA VAL B 50 -20.54 15.06 5.63
C VAL B 50 -21.88 15.13 4.89
N ILE B 51 -21.82 15.45 3.60
CA ILE B 51 -23.03 15.56 2.76
C ILE B 51 -22.89 14.68 1.51
N SER B 52 -23.96 14.01 1.11
CA SER B 52 -23.90 13.17 -0.08
C SER B 52 -23.75 14.01 -1.36
N SER B 53 -23.29 13.39 -2.44
CA SER B 53 -23.28 14.03 -3.75
C SER B 53 -24.64 14.64 -4.14
N THR B 54 -25.72 14.00 -3.68
CA THR B 54 -27.07 14.44 -4.04
C THR B 54 -27.52 15.66 -3.24
N GLY B 55 -26.82 15.93 -2.14
CA GLY B 55 -27.12 17.08 -1.28
C GLY B 55 -28.24 16.89 -0.26
N THR B 56 -28.84 15.70 -0.24
CA THR B 56 -30.06 15.44 0.56
C THR B 56 -29.85 14.41 1.69
N SER B 57 -28.65 13.87 1.79
CA SER B 57 -28.29 12.93 2.85
C SER B 57 -27.06 13.48 3.57
N THR B 58 -27.14 13.54 4.89
CA THR B 58 -26.13 14.17 5.74
C THR B 58 -25.82 13.32 6.98
N TYR B 59 -24.60 13.42 7.51
CA TYR B 59 -24.27 12.84 8.82
C TYR B 59 -23.47 13.82 9.64
N TYR B 60 -23.83 13.96 10.92
CA TYR B 60 -23.15 14.89 11.83
C TYR B 60 -22.50 14.16 12.99
N ALA B 61 -21.34 14.64 13.42
CA ALA B 61 -20.77 14.27 14.72
C ALA B 61 -21.82 14.56 15.80
N ASP B 62 -22.02 13.62 16.72
CA ASP B 62 -23.03 13.82 17.77
C ASP B 62 -22.86 15.16 18.47
N SER B 63 -21.60 15.60 18.58
CA SER B 63 -21.18 16.88 19.15
C SER B 63 -21.82 18.13 18.51
N VAL B 64 -22.19 18.03 17.23
CA VAL B 64 -22.67 19.22 16.51
C VAL B 64 -24.08 19.08 15.94
N LYS B 65 -24.64 17.86 16.02
CA LYS B 65 -26.01 17.61 15.55
C LYS B 65 -26.97 18.59 16.23
N GLY B 66 -27.81 19.23 15.42
CA GLY B 66 -28.77 20.22 15.93
C GLY B 66 -28.27 21.65 15.87
N ARG B 67 -26.96 21.83 15.90
CA ARG B 67 -26.35 23.18 15.91
C ARG B 67 -25.78 23.54 14.54
N PHE B 68 -25.16 22.56 13.88
CA PHE B 68 -24.49 22.76 12.59
C PHE B 68 -25.35 22.18 11.46
N THR B 69 -25.37 22.84 10.31
CA THR B 69 -26.02 22.29 9.11
C THR B 69 -25.06 22.32 7.93
N ILE B 70 -24.91 21.18 7.28
CA ILE B 70 -24.11 21.07 6.05
C ILE B 70 -25.07 21.03 4.86
N SER B 71 -24.72 21.75 3.79
CA SER B 71 -25.60 21.88 2.61
C SER B 71 -24.71 22.16 1.40
N ARG B 72 -25.28 22.06 0.20
CA ARG B 72 -24.51 22.40 -1.00
C ARG B 72 -25.38 23.11 -2.04
N ASP B 73 -24.74 23.92 -2.88
CA ASP B 73 -25.41 24.68 -3.93
C ASP B 73 -24.80 24.24 -5.25
N ASN B 74 -25.54 23.41 -5.97
CA ASN B 74 -25.12 22.82 -7.24
C ASN B 74 -24.64 23.87 -8.26
N ALA B 75 -25.42 24.94 -8.40
CA ALA B 75 -25.11 26.01 -9.34
C ALA B 75 -23.76 26.68 -9.04
N LYS B 76 -23.44 26.80 -7.76
CA LYS B 76 -22.20 27.45 -7.33
C LYS B 76 -21.05 26.46 -7.05
N VAL B 77 -21.31 25.16 -7.25
CA VAL B 77 -20.33 24.11 -6.94
C VAL B 77 -19.70 24.39 -5.56
N THR B 78 -20.55 24.63 -4.56
CA THR B 78 -20.09 25.03 -3.22
C THR B 78 -20.83 24.28 -2.12
N VAL B 79 -20.07 23.82 -1.13
CA VAL B 79 -20.64 23.22 0.08
C VAL B 79 -20.46 24.19 1.24
N TYR B 80 -21.46 24.25 2.11
CA TYR B 80 -21.46 25.19 3.22
C TYR B 80 -21.49 24.44 4.55
N LEU B 81 -20.90 25.07 5.57
CA LEU B 81 -21.17 24.64 6.94
C LEU B 81 -21.76 25.83 7.69
N GLN B 82 -23.06 25.75 7.99
CA GLN B 82 -23.74 26.77 8.77
C GLN B 82 -23.65 26.40 10.25
N MET B 83 -22.95 27.23 11.02
CA MET B 83 -22.72 26.93 12.42
C MET B 83 -23.55 27.86 13.31
N ASN B 84 -24.49 27.26 14.06
CA ASN B 84 -25.30 28.02 15.00
C ASN B 84 -25.00 27.64 16.45
N ASN B 85 -25.47 28.46 17.38
CA ASN B 85 -25.23 28.23 18.82
C ASN B 85 -23.79 27.81 19.11
N LEU B 86 -22.84 28.56 18.56
CA LEU B 86 -21.43 28.23 18.68
C LEU B 86 -20.92 28.26 20.12
N LYS B 87 -20.04 27.30 20.44
CA LYS B 87 -19.47 27.17 21.79
C LYS B 87 -17.96 27.25 21.69
N ARG B 88 -17.27 27.57 22.80
CA ARG B 88 -15.81 27.72 22.77
C ARG B 88 -15.12 26.43 22.30
N GLU B 89 -15.77 25.31 22.59
CA GLU B 89 -15.35 23.97 22.16
C GLU B 89 -15.24 23.83 20.63
N ASP B 90 -15.91 24.71 19.89
CA ASP B 90 -15.92 24.66 18.41
C ASP B 90 -14.75 25.42 17.79
N THR B 91 -13.97 26.11 18.63
CA THR B 91 -12.78 26.82 18.19
C THR B 91 -11.79 25.83 17.61
N ALA B 92 -11.44 26.01 16.35
CA ALA B 92 -10.55 25.12 15.62
C ALA B 92 -10.28 25.63 14.22
N VAL B 93 -9.35 24.98 13.53
CA VAL B 93 -9.15 25.20 12.11
C VAL B 93 -10.05 24.22 11.35
N TYR B 94 -10.90 24.77 10.48
CA TYR B 94 -11.84 23.97 9.72
C TYR B 94 -11.39 23.71 8.29
N PHE B 95 -11.48 22.44 7.88
CA PHE B 95 -11.13 21.97 6.54
C PHE B 95 -12.34 21.36 5.84
N CYS B 96 -12.47 21.60 4.55
CA CYS B 96 -13.42 20.82 3.76
C CYS B 96 -12.63 19.84 2.89
N ALA B 97 -13.26 18.74 2.48
CA ALA B 97 -12.56 17.69 1.74
C ALA B 97 -13.51 16.84 0.92
N VAL B 98 -12.99 16.31 -0.20
CA VAL B 98 -13.75 15.45 -1.13
C VAL B 98 -13.34 13.98 -1.00
N ASN B 99 -14.33 13.09 -0.89
CA ASN B 99 -14.11 11.63 -0.88
C ASN B 99 -14.69 11.02 -2.15
N SER B 100 -13.87 10.92 -3.20
CA SER B 100 -14.36 10.45 -4.49
C SER B 100 -14.72 8.95 -4.50
N GLN B 101 -14.19 8.19 -3.54
CA GLN B 101 -14.49 6.76 -3.44
C GLN B 101 -15.76 6.45 -2.65
N ARG B 102 -16.33 7.48 -2.01
CA ARG B 102 -17.59 7.37 -1.25
C ARG B 102 -17.51 6.36 -0.10
N THR B 103 -16.30 6.18 0.43
CA THR B 103 -15.95 5.07 1.33
C THR B 103 -15.48 5.54 2.70
N ARG B 104 -16.09 5.00 3.76
CA ARG B 104 -15.70 5.29 5.16
C ARG B 104 -15.56 6.80 5.40
N LEU B 105 -16.71 7.48 5.30
CA LEU B 105 -16.78 8.95 5.29
C LEU B 105 -16.29 9.69 6.55
N GLN B 106 -16.15 8.98 7.66
CA GLN B 106 -15.72 9.59 8.92
C GLN B 106 -14.20 9.69 9.01
N ASP B 107 -13.52 8.96 8.13
CA ASP B 107 -12.07 8.79 8.23
C ASP B 107 -11.36 9.75 7.27
N PRO B 108 -10.60 10.72 7.81
CA PRO B 108 -9.93 11.72 6.95
C PRO B 108 -8.96 11.13 5.93
N ASN B 109 -8.37 9.98 6.25
CA ASN B 109 -7.42 9.34 5.34
C ASN B 109 -8.06 8.83 4.04
N GLU B 110 -9.38 8.70 4.03
CA GLU B 110 -10.13 8.30 2.83
C GLU B 110 -10.33 9.44 1.85
N TYR B 111 -10.08 10.68 2.28
CA TYR B 111 -10.34 11.88 1.45
C TYR B 111 -9.14 12.28 0.60
N ASP B 112 -9.37 12.47 -0.69
CA ASP B 112 -8.28 12.67 -1.65
C ASP B 112 -7.98 14.12 -2.08
N TYR B 113 -8.89 15.04 -1.80
CA TYR B 113 -8.67 16.48 -2.05
C TYR B 113 -9.09 17.29 -0.84
N TRP B 114 -8.29 18.30 -0.50
CA TRP B 114 -8.50 19.08 0.72
C TRP B 114 -8.44 20.59 0.45
N GLY B 115 -9.33 21.34 1.10
CA GLY B 115 -9.26 22.79 1.15
C GLY B 115 -8.11 23.22 2.07
N GLN B 116 -7.79 24.52 2.06
CA GLN B 116 -6.57 25.00 2.73
C GLN B 116 -6.70 25.18 4.24
N GLY B 117 -7.93 25.20 4.74
CA GLY B 117 -8.18 25.30 6.17
C GLY B 117 -8.31 26.76 6.60
N THR B 118 -9.28 27.04 7.45
CA THR B 118 -9.48 28.41 7.95
C THR B 118 -9.85 28.43 9.43
N GLN B 119 -9.29 29.42 10.14
CA GLN B 119 -9.49 29.54 11.59
C GLN B 119 -10.89 30.03 11.96
N VAL B 120 -11.55 29.28 12.84
CA VAL B 120 -12.78 29.75 13.48
C VAL B 120 -12.49 29.89 14.97
N THR B 121 -12.78 31.07 15.51
CA THR B 121 -12.61 31.32 16.96
C THR B 121 -13.93 31.74 17.60
N VAL B 122 -14.30 31.03 18.67
CA VAL B 122 -15.48 31.36 19.46
C VAL B 122 -15.00 31.90 20.81
N SER B 123 -15.36 33.14 21.11
CA SER B 123 -14.91 33.75 22.37
C SER B 123 -16.02 33.74 23.42
N SER B 124 -15.69 33.24 24.61
CA SER B 124 -16.64 33.19 25.73
C SER B 124 -16.24 34.15 26.86
N GLY B 125 -15.04 34.72 26.75
CA GLY B 125 -14.65 35.89 27.54
C GLY B 125 -15.37 37.11 26.97
N SER B 126 -15.45 38.17 27.75
CA SER B 126 -16.34 39.29 27.39
C SER B 126 -15.64 40.64 27.23
N GLU B 127 -14.73 40.95 28.16
CA GLU B 127 -14.20 42.31 28.30
C GLU B 127 -13.21 42.73 27.20
N GLN B 128 -12.67 41.76 26.47
CA GLN B 128 -11.71 42.04 25.40
C GLN B 128 -12.41 42.43 24.11
N LYS B 129 -13.75 42.40 24.13
CA LYS B 129 -14.55 42.63 22.92
C LYS B 129 -15.31 43.94 22.94
N LEU B 130 -15.21 44.67 24.05
CA LEU B 130 -16.07 45.84 24.28
C LEU B 130 -15.86 46.98 23.29
N ILE B 131 -14.60 47.27 22.97
CA ILE B 131 -14.27 48.31 21.98
C ILE B 131 -14.78 47.97 20.58
N SER B 132 -14.63 46.71 20.16
CA SER B 132 -15.18 46.29 18.86
C SER B 132 -16.71 46.37 18.88
N GLU B 133 -17.30 45.98 20.00
CA GLU B 133 -18.74 46.09 20.20
C GLU B 133 -19.20 47.55 20.29
N HIS C 7 -12.00 -4.13 -30.05
CA HIS C 7 -11.47 -2.83 -30.54
C HIS C 7 -10.11 -3.01 -31.21
N THR C 8 -9.71 -2.02 -32.01
CA THR C 8 -8.41 -1.99 -32.67
C THR C 8 -7.81 -0.58 -32.65
N GLY C 9 -6.51 -0.49 -32.39
CA GLY C 9 -5.81 0.80 -32.31
C GLY C 9 -6.15 1.59 -31.06
N TRP C 10 -5.99 2.91 -31.15
CA TRP C 10 -6.31 3.80 -30.03
C TRP C 10 -7.81 4.05 -29.93
N VAL C 11 -8.34 3.99 -28.70
CA VAL C 11 -9.74 4.33 -28.42
C VAL C 11 -9.84 5.19 -27.15
N THR C 12 -10.85 6.03 -27.09
CA THR C 12 -11.08 6.89 -25.92
C THR C 12 -12.23 6.33 -25.07
N ILE C 13 -11.93 6.05 -23.80
CA ILE C 13 -12.91 5.53 -22.84
C ILE C 13 -12.74 6.26 -21.50
N ASP C 14 -13.84 6.86 -21.02
CA ASP C 14 -13.86 7.65 -19.78
C ASP C 14 -12.88 8.84 -19.79
N GLY C 15 -12.64 9.38 -20.98
CA GLY C 15 -11.66 10.45 -21.18
C GLY C 15 -10.24 9.94 -21.37
N ARG C 16 -10.00 8.68 -20.96
CA ARG C 16 -8.68 8.07 -21.01
C ARG C 16 -8.42 7.37 -22.34
N ARG C 17 -7.16 7.40 -22.79
CA ARG C 17 -6.74 6.78 -24.05
C ARG C 17 -6.20 5.36 -23.85
N TYR C 18 -6.84 4.40 -24.49
CA TYR C 18 -6.45 2.99 -24.45
C TYR C 18 -5.99 2.49 -25.82
N TYR C 19 -5.08 1.52 -25.83
CA TYR C 19 -4.61 0.89 -27.07
C TYR C 19 -4.91 -0.62 -27.08
N PHE C 20 -5.59 -1.07 -28.13
CA PHE C 20 -5.90 -2.49 -28.32
C PHE C 20 -5.11 -3.04 -29.50
N GLU C 21 -4.58 -4.25 -29.34
CA GLU C 21 -3.83 -4.92 -30.41
C GLU C 21 -4.72 -5.21 -31.62
N PRO C 22 -4.17 -5.08 -32.85
CA PRO C 22 -4.97 -5.13 -34.09
C PRO C 22 -5.63 -6.49 -34.37
N ASN C 23 -5.15 -7.55 -33.74
CA ASN C 23 -5.67 -8.89 -33.98
C ASN C 23 -6.92 -9.23 -33.16
N THR C 24 -6.92 -8.82 -31.89
CA THR C 24 -8.00 -9.17 -30.95
C THR C 24 -8.69 -7.95 -30.36
N ALA C 25 -9.54 -8.19 -29.36
CA ALA C 25 -10.21 -7.13 -28.62
C ALA C 25 -9.68 -7.06 -27.17
N ILE C 26 -8.41 -7.43 -27.01
CA ILE C 26 -7.74 -7.45 -25.71
C ILE C 26 -6.87 -6.20 -25.55
N GLY C 27 -7.00 -5.53 -24.39
CA GLY C 27 -6.22 -4.34 -24.08
C GLY C 27 -4.74 -4.67 -23.97
N ALA C 28 -3.91 -3.91 -24.71
CA ALA C 28 -2.47 -4.19 -24.81
C ALA C 28 -1.76 -4.23 -23.45
N ASN C 29 -0.74 -5.09 -23.36
CA ASN C 29 0.06 -5.24 -22.15
C ASN C 29 1.55 -5.29 -22.47
N GLY C 30 2.35 -4.57 -21.69
CA GLY C 30 3.82 -4.60 -21.83
C GLY C 30 4.36 -3.59 -22.82
N TYR C 31 5.67 -3.73 -23.10
CA TYR C 31 6.43 -2.83 -23.97
C TYR C 31 5.99 -2.93 -25.43
N LYS C 32 5.66 -1.77 -26.02
CA LYS C 32 5.25 -1.71 -27.43
C LYS C 32 5.88 -0.51 -28.14
N ILE C 33 6.29 -0.74 -29.39
CA ILE C 33 6.69 0.33 -30.30
C ILE C 33 5.52 0.62 -31.23
N ILE C 34 5.09 1.88 -31.29
CA ILE C 34 3.99 2.28 -32.17
C ILE C 34 4.48 3.21 -33.30
N ASP C 35 4.16 4.50 -33.22
CA ASP C 35 4.50 5.43 -34.28
C ASP C 35 5.87 6.04 -34.01
N ASN C 36 6.90 5.19 -34.09
CA ASN C 36 8.28 5.52 -33.65
C ASN C 36 8.38 5.93 -32.17
N LYS C 37 7.36 5.53 -31.40
CA LYS C 37 7.26 5.87 -29.98
C LYS C 37 7.28 4.60 -29.15
N ASN C 38 7.70 4.71 -27.88
CA ASN C 38 7.70 3.56 -26.97
C ASN C 38 6.74 3.80 -25.82
N PHE C 39 5.95 2.77 -25.51
CA PHE C 39 5.03 2.78 -24.38
C PHE C 39 5.17 1.47 -23.63
N TYR C 40 4.75 1.48 -22.37
CA TYR C 40 4.63 0.27 -21.58
C TYR C 40 3.19 0.21 -21.08
N PHE C 41 2.43 -0.75 -21.59
CA PHE C 41 0.98 -0.82 -21.40
C PHE C 41 0.50 -1.75 -20.28
N ARG C 42 -0.58 -1.34 -19.60
CA ARG C 42 -1.31 -2.22 -18.68
C ARG C 42 -2.80 -2.18 -19.02
N ASN C 43 -3.31 -3.30 -19.55
CA ASN C 43 -4.71 -3.38 -20.01
C ASN C 43 -5.13 -2.18 -20.86
N GLY C 44 -4.30 -1.85 -21.83
CA GLY C 44 -4.58 -0.75 -22.78
C GLY C 44 -4.04 0.61 -22.38
N LEU C 45 -3.85 0.85 -21.08
CA LEU C 45 -3.45 2.17 -20.60
C LEU C 45 -1.93 2.30 -20.49
N PRO C 46 -1.36 3.35 -21.12
CA PRO C 46 0.08 3.54 -21.01
C PRO C 46 0.43 3.83 -19.56
N GLN C 47 1.51 3.21 -19.08
CA GLN C 47 1.93 3.36 -17.70
C GLN C 47 3.05 4.37 -17.62
N ILE C 48 3.06 5.15 -16.54
CA ILE C 48 4.17 6.08 -16.28
C ILE C 48 5.13 5.37 -15.33
N GLY C 49 6.43 5.41 -15.65
CA GLY C 49 7.44 4.80 -14.79
C GLY C 49 8.72 4.46 -15.50
N VAL C 50 9.53 3.61 -14.87
CA VAL C 50 10.81 3.19 -15.45
C VAL C 50 10.77 1.68 -15.66
N PHE C 51 10.65 1.27 -16.92
CA PHE C 51 10.41 -0.13 -17.25
C PHE C 51 11.41 -0.66 -18.28
N LYS C 52 11.61 -1.96 -18.26
CA LYS C 52 12.59 -2.59 -19.13
C LYS C 52 12.09 -2.76 -20.57
N GLY C 53 12.86 -2.22 -21.51
CA GLY C 53 12.66 -2.47 -22.94
C GLY C 53 13.69 -3.47 -23.43
N PRO C 54 13.84 -3.60 -24.77
CA PRO C 54 14.82 -4.53 -25.37
C PRO C 54 16.27 -4.03 -25.37
N ASN C 55 16.51 -2.81 -24.90
CA ASN C 55 17.87 -2.29 -24.72
C ASN C 55 18.05 -1.56 -23.37
N GLY C 56 17.28 -2.00 -22.37
CA GLY C 56 17.42 -1.48 -21.00
C GLY C 56 16.21 -0.71 -20.50
N PHE C 57 16.38 -0.08 -19.34
CA PHE C 57 15.26 0.60 -18.67
C PHE C 57 15.09 1.99 -19.25
N GLU C 58 13.86 2.32 -19.67
CA GLU C 58 13.55 3.64 -20.23
C GLU C 58 12.61 4.41 -19.32
N TYR C 59 12.62 5.73 -19.46
CA TYR C 59 11.67 6.57 -18.72
C TYR C 59 10.40 6.83 -19.52
N PHE C 60 9.32 6.19 -19.11
CA PHE C 60 8.01 6.41 -19.72
C PHE C 60 7.31 7.52 -18.95
N ALA C 61 7.34 8.71 -19.54
CA ALA C 61 7.16 9.93 -18.78
C ALA C 61 5.75 10.51 -18.80
N PRO C 62 5.40 11.30 -17.75
CA PRO C 62 4.19 12.11 -17.77
C PRO C 62 4.23 13.05 -18.98
N ALA C 63 3.04 13.38 -19.49
CA ALA C 63 2.92 14.26 -20.66
C ALA C 63 3.69 15.55 -20.50
N ASN C 64 4.31 16.00 -21.59
CA ASN C 64 4.99 17.30 -21.65
C ASN C 64 6.18 17.45 -20.69
N THR C 65 6.91 16.35 -20.48
CA THR C 65 8.18 16.36 -19.74
C THR C 65 9.31 16.69 -20.70
N ASP C 66 9.24 16.17 -21.93
CA ASP C 66 10.26 16.48 -22.94
C ASP C 66 9.70 16.40 -24.36
N ALA C 67 9.98 17.43 -25.15
CA ALA C 67 9.59 17.49 -26.57
C ALA C 67 8.10 17.14 -26.77
N ASN C 68 7.26 17.70 -25.90
CA ASN C 68 5.80 17.47 -25.91
C ASN C 68 5.36 15.99 -26.02
N ASN C 69 5.98 15.13 -25.22
CA ASN C 69 5.57 13.71 -25.17
C ASN C 69 4.17 13.57 -24.58
N ILE C 70 3.49 12.47 -24.89
CA ILE C 70 2.23 12.17 -24.21
C ILE C 70 2.46 11.32 -22.97
N ASP C 71 1.46 11.18 -22.11
CA ASP C 71 1.56 10.35 -20.90
C ASP C 71 2.07 8.96 -21.27
N GLY C 72 3.13 8.52 -20.61
CA GLY C 72 3.64 7.15 -20.80
C GLY C 72 4.57 6.95 -21.98
N GLN C 73 4.78 8.01 -22.77
CA GLN C 73 5.72 7.93 -23.90
C GLN C 73 7.16 8.02 -23.41
N ALA C 74 8.02 7.12 -23.87
CA ALA C 74 9.44 7.13 -23.51
C ALA C 74 10.09 8.41 -24.06
N ILE C 75 10.98 8.99 -23.27
CA ILE C 75 11.59 10.27 -23.63
C ILE C 75 13.11 10.20 -23.55
N ARG C 76 13.75 11.13 -24.25
CA ARG C 76 15.16 11.44 -24.03
C ARG C 76 15.27 11.97 -22.60
N TYR C 77 16.28 11.52 -21.87
CA TYR C 77 16.48 11.92 -20.47
C TYR C 77 17.92 11.58 -20.11
N GLN C 78 18.82 12.56 -20.25
CA GLN C 78 20.25 12.26 -20.30
C GLN C 78 21.06 12.74 -19.09
N ASN C 79 21.94 11.87 -18.60
CA ASN C 79 22.94 12.22 -17.58
C ASN C 79 22.35 12.93 -16.38
N ARG C 80 21.37 12.30 -15.74
CA ARG C 80 20.71 12.93 -14.59
C ARG C 80 19.92 11.96 -13.73
N PHE C 81 19.72 12.33 -12.47
CA PHE C 81 18.87 11.57 -11.57
C PHE C 81 17.39 11.79 -11.84
N LEU C 82 16.57 10.86 -11.34
CA LEU C 82 15.11 10.99 -11.37
C LEU C 82 14.55 10.44 -10.07
N HIS C 83 13.66 11.21 -9.43
CA HIS C 83 12.85 10.73 -8.32
C HIS C 83 11.44 10.44 -8.84
N LEU C 84 11.03 9.19 -8.72
CA LEU C 84 9.71 8.82 -9.19
C LEU C 84 9.06 7.93 -8.15
N LEU C 85 7.95 8.42 -7.58
CA LEU C 85 7.24 7.75 -6.50
C LEU C 85 8.18 7.34 -5.37
N GLY C 86 9.18 8.19 -5.12
CA GLY C 86 10.08 7.97 -3.99
C GLY C 86 11.27 7.08 -4.29
N ASN C 87 11.30 6.53 -5.51
CA ASN C 87 12.40 5.70 -6.00
C ASN C 87 13.44 6.56 -6.71
N ILE C 88 14.72 6.22 -6.54
CA ILE C 88 15.82 6.98 -7.12
C ILE C 88 16.46 6.24 -8.30
N TYR C 89 16.50 6.90 -9.45
CA TYR C 89 17.12 6.35 -10.65
C TYR C 89 18.22 7.29 -11.12
N TYR C 90 19.17 6.77 -11.90
CA TYR C 90 20.08 7.60 -12.64
C TYR C 90 20.14 7.17 -14.10
N PHE C 91 19.97 8.15 -15.00
CA PHE C 91 19.96 7.90 -16.43
C PHE C 91 21.28 8.34 -17.07
N GLY C 92 21.89 7.46 -17.85
CA GLY C 92 23.15 7.76 -18.54
C GLY C 92 22.98 8.54 -19.84
N ASN C 93 24.05 8.60 -20.63
CA ASN C 93 24.08 9.41 -21.85
C ASN C 93 23.07 8.94 -22.90
N ASN C 94 22.80 7.65 -22.89
CA ASN C 94 21.90 7.01 -23.84
C ASN C 94 20.43 6.97 -23.39
N SER C 95 20.11 7.74 -22.34
CA SER C 95 18.73 7.81 -21.81
C SER C 95 18.17 6.48 -21.29
N LYS C 96 19.07 5.62 -20.80
CA LYS C 96 18.67 4.36 -20.17
C LYS C 96 19.08 4.42 -18.70
N ALA C 97 18.25 3.85 -17.82
CA ALA C 97 18.60 3.84 -16.40
C ALA C 97 19.82 2.94 -16.18
N VAL C 98 20.81 3.39 -15.42
CA VAL C 98 21.98 2.54 -15.13
C VAL C 98 21.62 1.51 -14.05
N THR C 99 22.34 0.39 -14.05
CA THR C 99 22.14 -0.62 -13.02
C THR C 99 23.50 -1.02 -12.42
N GLY C 100 23.44 -1.71 -11.28
CA GLY C 100 24.68 -2.18 -10.63
C GLY C 100 25.43 -1.06 -9.94
N TRP C 101 26.71 -1.31 -9.63
CA TRP C 101 27.54 -0.30 -8.99
C TRP C 101 27.84 0.85 -9.95
N GLN C 102 27.67 2.07 -9.46
CA GLN C 102 27.96 3.26 -10.26
C GLN C 102 28.57 4.35 -9.39
N THR C 103 29.55 5.07 -9.95
CA THR C 103 30.06 6.26 -9.29
C THR C 103 29.61 7.51 -10.04
N ILE C 104 28.87 8.37 -9.35
CA ILE C 104 28.29 9.57 -9.95
C ILE C 104 28.64 10.76 -9.07
N ASN C 105 29.34 11.73 -9.67
CA ASN C 105 29.83 12.93 -8.97
C ASN C 105 30.61 12.59 -7.70
N GLY C 106 31.49 11.60 -7.81
CA GLY C 106 32.32 11.14 -6.70
C GLY C 106 31.67 10.23 -5.67
N ASN C 107 30.35 10.01 -5.80
CA ASN C 107 29.62 9.16 -4.84
C ASN C 107 29.21 7.83 -5.44
N MET C 108 29.29 6.75 -4.66
CA MET C 108 28.90 5.45 -5.17
C MET C 108 27.46 5.10 -4.83
N TYR C 109 26.78 4.48 -5.79
CA TYR C 109 25.41 4.00 -5.64
C TYR C 109 25.30 2.54 -6.10
N TYR C 110 24.27 1.85 -5.65
CA TYR C 110 23.96 0.56 -6.24
C TYR C 110 22.53 0.51 -6.74
N PHE C 111 22.36 0.37 -8.06
CA PHE C 111 21.02 0.31 -8.64
C PHE C 111 20.57 -1.13 -8.84
N MET C 112 19.42 -1.45 -8.27
CA MET C 112 18.97 -2.84 -8.13
C MET C 112 18.64 -3.46 -9.50
N PRO C 113 18.97 -4.74 -9.68
CA PRO C 113 18.91 -5.30 -11.03
C PRO C 113 17.49 -5.44 -11.61
N ASP C 114 16.49 -5.71 -10.77
CA ASP C 114 15.14 -5.94 -11.26
C ASP C 114 14.35 -4.68 -11.61
N THR C 115 14.75 -3.55 -11.02
CA THR C 115 13.99 -2.30 -11.09
C THR C 115 14.80 -1.08 -11.56
N ALA C 116 16.14 -1.17 -11.46
CA ALA C 116 17.05 -0.02 -11.65
C ALA C 116 16.93 1.04 -10.53
N MET C 117 16.21 0.72 -9.46
CA MET C 117 16.09 1.66 -8.33
C MET C 117 17.31 1.58 -7.42
N ALA C 118 17.72 2.73 -6.88
CA ALA C 118 18.87 2.81 -5.98
C ALA C 118 18.58 2.14 -4.65
N ALA C 119 19.48 1.25 -4.21
CA ALA C 119 19.50 0.78 -2.84
C ALA C 119 19.62 1.99 -1.91
N ALA C 120 18.72 2.09 -0.94
CA ALA C 120 18.69 3.24 -0.04
C ALA C 120 18.11 2.90 1.33
N GLY C 121 18.61 3.59 2.35
CA GLY C 121 18.01 3.53 3.69
C GLY C 121 18.48 2.42 4.62
N GLY C 122 19.76 2.06 4.52
CA GLY C 122 20.37 1.12 5.47
C GLY C 122 21.19 -0.01 4.84
N LEU C 123 21.18 -1.16 5.50
CA LEU C 123 22.04 -2.29 5.11
C LEU C 123 21.45 -3.13 3.99
N PHE C 124 22.25 -3.46 2.98
CA PHE C 124 21.82 -4.35 1.91
C PHE C 124 22.85 -5.45 1.68
N GLU C 125 22.40 -6.65 1.34
CA GLU C 125 23.33 -7.66 0.83
C GLU C 125 23.37 -7.62 -0.70
N ILE C 126 24.57 -7.35 -1.23
CA ILE C 126 24.81 -7.25 -2.66
C ILE C 126 26.05 -8.06 -2.99
N ASP C 127 25.96 -8.94 -3.99
CA ASP C 127 27.10 -9.77 -4.38
C ASP C 127 27.65 -10.52 -3.15
N GLY C 128 26.74 -10.95 -2.26
CA GLY C 128 27.11 -11.71 -1.07
C GLY C 128 27.77 -10.94 0.07
N VAL C 129 27.84 -9.61 -0.06
CA VAL C 129 28.52 -8.76 0.93
C VAL C 129 27.55 -7.70 1.49
N ILE C 130 27.70 -7.36 2.78
CA ILE C 130 26.82 -6.36 3.39
C ILE C 130 27.40 -4.94 3.21
N TYR C 131 26.59 -4.05 2.65
CA TYR C 131 26.94 -2.62 2.48
C TYR C 131 25.90 -1.70 3.12
N PHE C 132 26.29 -0.45 3.38
CA PHE C 132 25.40 0.56 3.95
C PHE C 132 25.15 1.68 2.96
N PHE C 133 23.87 1.99 2.78
CA PHE C 133 23.42 3.09 1.95
C PHE C 133 22.62 4.11 2.76
N GLY C 134 23.00 5.38 2.60
CA GLY C 134 22.24 6.50 3.17
C GLY C 134 20.84 6.61 2.58
N VAL C 135 20.03 7.50 3.15
CA VAL C 135 18.65 7.71 2.68
C VAL C 135 18.64 8.21 1.23
N ASP C 136 19.74 8.84 0.83
CA ASP C 136 19.90 9.40 -0.51
C ASP C 136 20.48 8.40 -1.52
N GLY C 137 20.74 7.18 -1.05
CA GLY C 137 21.32 6.14 -1.89
C GLY C 137 22.85 6.09 -1.92
N VAL C 138 23.50 7.06 -1.29
CA VAL C 138 24.96 7.10 -1.32
C VAL C 138 25.57 6.02 -0.41
N LYS C 139 26.53 5.26 -0.96
CA LYS C 139 27.24 4.24 -0.19
C LYS C 139 28.11 4.91 0.88
N ALA C 140 27.95 4.48 2.12
CA ALA C 140 28.72 5.05 3.23
C ALA C 140 30.11 4.43 3.31
N PRO C 141 31.09 5.17 3.88
CA PRO C 141 32.48 4.71 3.97
C PRO C 141 32.68 3.55 4.95
N GLY C 142 33.76 2.80 4.74
CA GLY C 142 34.14 1.74 5.66
C GLY C 142 33.60 0.37 5.31
N ILE C 143 33.73 -0.55 6.27
CA ILE C 143 33.41 -1.96 6.11
C ILE C 143 32.21 -2.30 7.01
N TYR C 144 31.23 -3.03 6.46
CA TYR C 144 30.02 -3.38 7.21
C TYR C 144 29.83 -4.87 7.43
N VAL D 2 9.82 -20.77 4.42
CA VAL D 2 10.49 -21.87 5.17
C VAL D 2 10.29 -21.72 6.68
N LYS D 3 10.39 -22.85 7.39
CA LYS D 3 10.19 -22.90 8.84
C LYS D 3 11.52 -22.81 9.59
N LEU D 4 11.51 -21.98 10.64
CA LEU D 4 12.68 -21.73 11.48
C LEU D 4 12.42 -22.19 12.90
N GLU D 5 13.32 -23.01 13.43
CA GLU D 5 13.20 -23.59 14.76
C GLU D 5 14.38 -23.14 15.60
N GLU D 6 14.11 -22.46 16.70
CA GLU D 6 15.16 -21.92 17.57
C GLU D 6 15.47 -22.86 18.73
N SER D 7 16.75 -22.89 19.12
CA SER D 7 17.22 -23.73 20.21
C SER D 7 18.27 -22.99 21.05
N GLY D 8 18.39 -23.39 22.31
CA GLY D 8 19.56 -23.02 23.12
C GLY D 8 19.30 -22.05 24.26
N GLY D 9 18.04 -21.68 24.45
CA GLY D 9 17.67 -20.69 25.46
C GLY D 9 17.84 -21.14 26.90
N GLY D 10 17.88 -20.17 27.80
CA GLY D 10 17.92 -20.47 29.23
C GLY D 10 18.58 -19.36 30.03
N LEU D 11 19.35 -19.75 31.03
CA LEU D 11 19.91 -18.83 32.02
C LEU D 11 21.42 -18.98 32.12
N VAL D 12 22.11 -17.84 32.17
CA VAL D 12 23.55 -17.81 32.37
C VAL D 12 23.90 -16.73 33.41
N GLN D 13 25.03 -16.88 34.10
CA GLN D 13 25.57 -15.83 34.95
C GLN D 13 26.25 -14.78 34.09
N ALA D 14 26.20 -13.52 34.54
CA ALA D 14 26.92 -12.44 33.87
C ALA D 14 28.38 -12.80 33.60
N GLY D 15 28.88 -12.41 32.42
CA GLY D 15 30.23 -12.80 31.98
C GLY D 15 30.29 -14.17 31.33
N GLY D 16 29.21 -14.94 31.44
CA GLY D 16 29.15 -16.28 30.83
C GLY D 16 28.82 -16.28 29.34
N SER D 17 28.76 -17.47 28.74
CA SER D 17 28.52 -17.64 27.31
C SER D 17 27.30 -18.51 27.04
N LEU D 18 26.63 -18.28 25.91
CA LEU D 18 25.47 -19.08 25.51
C LEU D 18 25.35 -19.06 23.99
N ARG D 19 25.05 -20.22 23.40
CA ARG D 19 24.93 -20.31 21.94
C ARG D 19 23.49 -20.62 21.54
N LEU D 20 22.91 -19.76 20.70
CA LEU D 20 21.56 -19.99 20.17
C LEU D 20 21.63 -20.55 18.76
N SER D 21 20.66 -21.39 18.41
CA SER D 21 20.60 -22.02 17.09
C SER D 21 19.31 -21.66 16.40
N CYS D 22 19.38 -21.49 15.08
CA CYS D 22 18.23 -21.19 14.25
C CYS D 22 18.29 -22.12 13.06
N ALA D 23 17.47 -23.17 13.10
CA ALA D 23 17.53 -24.26 12.12
C ALA D 23 16.35 -24.18 11.15
N ALA D 24 16.65 -24.23 9.86
CA ALA D 24 15.59 -24.19 8.83
C ALA D 24 15.19 -25.56 8.31
N SER D 25 13.99 -25.66 7.75
CA SER D 25 13.47 -26.93 7.26
C SER D 25 13.83 -27.24 5.80
N GLU D 26 14.30 -26.22 5.07
CA GLU D 26 14.72 -26.42 3.69
C GLU D 26 15.96 -25.64 3.26
N ARG D 27 16.60 -26.13 2.21
CA ARG D 27 17.90 -25.62 1.76
C ARG D 27 17.87 -24.20 1.17
N THR D 28 16.67 -23.71 0.81
CA THR D 28 16.52 -22.33 0.30
C THR D 28 17.02 -21.27 1.29
N PHE D 29 16.89 -21.58 2.59
CA PHE D 29 17.43 -20.78 3.69
C PHE D 29 18.84 -20.28 3.40
N SER D 30 19.67 -21.16 2.82
CA SER D 30 21.09 -20.87 2.60
C SER D 30 21.33 -19.76 1.56
N ARG D 31 20.29 -19.41 0.80
CA ARG D 31 20.37 -18.38 -0.23
C ARG D 31 20.15 -16.97 0.29
N TYR D 32 19.82 -16.83 1.57
CA TYR D 32 19.33 -15.55 2.12
C TYR D 32 20.05 -15.08 3.38
N PRO D 33 20.14 -13.75 3.58
CA PRO D 33 20.68 -13.26 4.84
C PRO D 33 19.72 -13.55 6.00
N VAL D 34 20.30 -13.76 7.16
CA VAL D 34 19.55 -14.16 8.36
C VAL D 34 20.00 -13.28 9.52
N ALA D 35 19.04 -12.78 10.28
CA ALA D 35 19.38 -11.89 11.39
C ALA D 35 18.85 -12.42 12.71
N TRP D 36 19.45 -11.92 13.80
CA TRP D 36 18.88 -12.05 15.13
C TRP D 36 18.35 -10.70 15.59
N PHE D 37 17.16 -10.71 16.18
CA PHE D 37 16.55 -9.55 16.85
C PHE D 37 16.23 -9.97 18.28
N ARG D 38 16.13 -9.02 19.21
CA ARG D 38 15.76 -9.36 20.60
C ARG D 38 14.72 -8.39 21.15
N GLN D 39 13.84 -8.89 22.01
CA GLN D 39 12.69 -8.13 22.48
C GLN D 39 12.50 -8.27 23.98
N ALA D 40 12.47 -7.14 24.67
CA ALA D 40 12.04 -7.07 26.05
C ALA D 40 10.50 -7.06 26.09
N PRO D 41 9.89 -7.47 27.22
CA PRO D 41 8.42 -7.56 27.29
C PRO D 41 7.73 -6.22 27.00
N GLY D 42 6.85 -6.23 26.01
CA GLY D 42 6.10 -5.03 25.61
C GLY D 42 6.89 -4.03 24.76
N ALA D 43 8.20 -4.28 24.60
CA ALA D 43 9.07 -3.40 23.82
C ALA D 43 9.17 -3.88 22.36
N GLU D 44 9.88 -3.11 21.53
CA GLU D 44 10.04 -3.47 20.11
C GLU D 44 11.21 -4.44 19.89
N ARG D 45 11.14 -5.20 18.79
CA ARG D 45 12.19 -6.15 18.41
C ARG D 45 13.38 -5.38 17.85
N GLU D 46 14.46 -5.34 18.62
CA GLU D 46 15.64 -4.56 18.27
C GLU D 46 16.74 -5.39 17.60
N PHE D 47 17.43 -4.78 16.66
CA PHE D 47 18.45 -5.48 15.87
C PHE D 47 19.65 -5.91 16.71
N VAL D 48 20.12 -7.15 16.50
CA VAL D 48 21.33 -7.62 17.17
C VAL D 48 22.47 -7.87 16.18
N ALA D 49 22.20 -8.67 15.15
CA ALA D 49 23.22 -9.13 14.22
C ALA D 49 22.61 -9.70 12.96
N VAL D 50 23.33 -9.59 11.83
CA VAL D 50 22.89 -10.22 10.59
C VAL D 50 24.08 -10.85 9.86
N ILE D 51 23.81 -11.94 9.15
CA ILE D 51 24.86 -12.64 8.38
C ILE D 51 24.43 -12.77 6.93
N SER D 52 25.36 -12.57 6.00
CA SER D 52 25.04 -12.74 4.58
C SER D 52 24.71 -14.20 4.23
N SER D 53 24.05 -14.39 3.09
CA SER D 53 23.82 -15.73 2.54
C SER D 53 25.11 -16.53 2.38
N THR D 54 26.21 -15.82 2.14
CA THR D 54 27.51 -16.47 1.89
C THR D 54 28.17 -16.89 3.19
N GLY D 55 27.65 -16.37 4.31
CA GLY D 55 28.17 -16.70 5.63
C GLY D 55 29.45 -16.00 6.04
N THR D 56 29.96 -15.11 5.19
CA THR D 56 31.26 -14.47 5.44
C THR D 56 31.21 -12.94 5.60
N SER D 57 30.02 -12.36 5.50
CA SER D 57 29.84 -10.93 5.75
C SER D 57 28.83 -10.79 6.88
N THR D 58 29.18 -10.00 7.89
CA THR D 58 28.33 -9.85 9.08
C THR D 58 28.20 -8.38 9.46
N TYR D 59 27.11 -8.02 10.14
CA TYR D 59 26.99 -6.71 10.81
C TYR D 59 26.40 -6.86 12.20
N TYR D 60 26.98 -6.15 13.16
CA TYR D 60 26.57 -6.22 14.56
C TYR D 60 26.07 -4.88 15.08
N ALA D 61 25.06 -4.91 15.93
CA ALA D 61 24.70 -3.74 16.73
C ALA D 61 25.91 -3.34 17.56
N ASP D 62 26.18 -2.04 17.65
CA ASP D 62 27.41 -1.58 18.30
C ASP D 62 27.54 -2.08 19.75
N SER D 63 26.40 -2.33 20.39
CA SER D 63 26.36 -2.81 21.77
C SER D 63 26.76 -4.27 21.98
N VAL D 64 26.95 -5.02 20.89
CA VAL D 64 27.31 -6.45 20.99
C VAL D 64 28.53 -6.85 20.15
N LYS D 65 28.99 -5.92 19.31
CA LYS D 65 30.24 -6.12 18.56
C LYS D 65 31.37 -6.47 19.51
N GLY D 66 32.14 -7.49 19.16
CA GLY D 66 33.22 -7.98 20.01
C GLY D 66 32.82 -9.01 21.04
N ARG D 67 31.53 -9.12 21.33
CA ARG D 67 31.02 -10.04 22.35
C ARG D 67 30.20 -11.17 21.73
N PHE D 68 29.42 -10.83 20.71
CA PHE D 68 28.55 -11.79 20.00
C PHE D 68 29.17 -12.13 18.65
N THR D 69 29.00 -13.37 18.21
CA THR D 69 29.40 -13.79 16.85
C THR D 69 28.25 -14.53 16.18
N ILE D 70 27.87 -14.06 15.00
CA ILE D 70 26.85 -14.72 14.18
C ILE D 70 27.58 -15.54 13.12
N SER D 71 27.08 -16.76 12.85
CA SER D 71 27.72 -17.68 11.92
C SER D 71 26.67 -18.61 11.36
N ARG D 72 27.01 -19.37 10.31
CA ARG D 72 26.07 -20.36 9.78
C ARG D 72 26.78 -21.63 9.32
N ASP D 73 26.05 -22.74 9.34
CA ASP D 73 26.57 -24.04 8.92
C ASP D 73 25.68 -24.52 7.79
N ASN D 74 26.21 -24.41 6.58
CA ASN D 74 25.47 -24.78 5.36
C ASN D 74 24.92 -26.21 5.37
N ALA D 75 25.74 -27.16 5.82
CA ALA D 75 25.37 -28.56 5.87
C ALA D 75 24.19 -28.78 6.80
N LYS D 76 24.14 -28.00 7.87
CA LYS D 76 23.08 -28.10 8.87
C LYS D 76 21.92 -27.12 8.61
N VAL D 77 22.07 -26.28 7.58
CA VAL D 77 21.13 -25.18 7.29
C VAL D 77 20.73 -24.49 8.60
N THR D 78 21.74 -24.10 9.37
CA THR D 78 21.53 -23.51 10.70
C THR D 78 22.39 -22.26 10.86
N VAL D 79 21.80 -21.21 11.42
CA VAL D 79 22.52 -19.98 11.82
C VAL D 79 22.65 -19.96 13.35
N TYR D 80 23.80 -19.55 13.83
CA TYR D 80 24.06 -19.53 15.26
C TYR D 80 24.30 -18.11 15.75
N LEU D 81 23.97 -17.88 17.02
CA LEU D 81 24.43 -16.67 17.70
C LEU D 81 25.21 -17.09 18.93
N GLN D 82 26.54 -16.92 18.86
CA GLN D 82 27.42 -17.25 19.97
C GLN D 82 27.55 -15.99 20.82
N MET D 83 27.03 -16.06 22.05
CA MET D 83 27.04 -14.90 22.94
C MET D 83 28.07 -15.10 24.04
N ASN D 84 29.08 -14.23 24.07
CA ASN D 84 30.11 -14.26 25.10
C ASN D 84 30.04 -13.00 25.95
N ASN D 85 30.69 -13.04 27.13
CA ASN D 85 30.74 -11.89 28.03
C ASN D 85 29.36 -11.27 28.25
N LEU D 86 28.38 -12.12 28.54
CA LEU D 86 27.00 -11.71 28.66
C LEU D 86 26.76 -10.73 29.82
N LYS D 87 25.88 -9.75 29.58
CA LYS D 87 25.57 -8.71 30.56
C LYS D 87 24.08 -8.70 30.87
N ARG D 88 23.69 -8.05 31.96
CA ARG D 88 22.28 -7.92 32.33
C ARG D 88 21.41 -7.36 31.20
N GLU D 89 21.97 -6.42 30.44
CA GLU D 89 21.27 -5.76 29.32
C GLU D 89 20.88 -6.72 28.20
N ASP D 90 21.51 -7.90 28.17
CA ASP D 90 21.30 -8.88 27.09
C ASP D 90 20.10 -9.79 27.36
N THR D 91 19.54 -9.71 28.57
CA THR D 91 18.32 -10.43 28.90
C THR D 91 17.19 -9.96 28.00
N ALA D 92 16.59 -10.91 27.28
CA ALA D 92 15.51 -10.64 26.35
C ALA D 92 15.07 -11.93 25.69
N VAL D 93 14.00 -11.84 24.90
CA VAL D 93 13.57 -12.92 24.02
C VAL D 93 14.23 -12.71 22.66
N TYR D 94 14.91 -13.76 22.19
CA TYR D 94 15.69 -13.67 20.97
C TYR D 94 14.98 -14.36 19.81
N PHE D 95 14.90 -13.66 18.68
CA PHE D 95 14.27 -14.16 17.46
C PHE D 95 15.29 -14.25 16.33
N CYS D 96 15.19 -15.30 15.51
CA CYS D 96 15.90 -15.31 14.22
C CYS D 96 14.89 -15.11 13.09
N ALA D 97 15.36 -14.55 11.98
CA ALA D 97 14.48 -14.20 10.86
C ALA D 97 15.22 -14.12 9.55
N VAL D 98 14.49 -14.40 8.47
CA VAL D 98 15.03 -14.41 7.11
C VAL D 98 14.52 -13.19 6.34
N ASN D 99 15.43 -12.54 5.60
CA ASN D 99 15.13 -11.38 4.74
C ASN D 99 15.43 -11.78 3.30
N SER D 100 14.43 -12.30 2.61
CA SER D 100 14.63 -12.84 1.27
C SER D 100 14.91 -11.77 0.22
N GLN D 101 14.47 -10.54 0.48
CA GLN D 101 14.72 -9.41 -0.41
C GLN D 101 16.13 -8.81 -0.27
N ARG D 102 16.86 -9.20 0.77
CA ARG D 102 18.23 -8.71 1.01
C ARG D 102 18.28 -7.19 1.22
N THR D 103 17.18 -6.63 1.71
CA THR D 103 16.99 -5.17 1.76
C THR D 103 16.77 -4.61 3.16
N ARG D 104 17.43 -3.49 3.45
CA ARG D 104 17.36 -2.81 4.75
C ARG D 104 17.35 -3.81 5.93
N LEU D 105 18.49 -4.48 6.09
CA LEU D 105 18.64 -5.61 7.00
C LEU D 105 18.48 -5.29 8.50
N GLN D 106 18.60 -4.02 8.87
CA GLN D 106 18.41 -3.61 10.28
C GLN D 106 16.93 -3.54 10.68
N ASP D 107 16.04 -3.57 9.68
CA ASP D 107 14.63 -3.28 9.92
C ASP D 107 13.81 -4.57 9.95
N PRO D 108 13.27 -4.93 11.15
CA PRO D 108 12.51 -6.18 11.33
C PRO D 108 11.32 -6.31 10.39
N ASN D 109 10.78 -5.16 9.97
CA ASN D 109 9.64 -5.15 9.06
C ASN D 109 9.96 -5.70 7.67
N GLU D 110 11.25 -5.75 7.33
CA GLU D 110 11.68 -6.27 6.03
C GLU D 110 11.80 -7.79 5.99
N TYR D 111 11.72 -8.43 7.16
CA TYR D 111 11.93 -9.88 7.28
C TYR D 111 10.63 -10.66 7.12
N ASP D 112 10.64 -11.65 6.24
CA ASP D 112 9.39 -12.35 5.88
C ASP D 112 9.13 -13.71 6.54
N TYR D 113 10.13 -14.26 7.23
CA TYR D 113 9.95 -15.48 8.02
C TYR D 113 10.64 -15.36 9.38
N TRP D 114 9.95 -15.81 10.44
CA TRP D 114 10.41 -15.63 11.80
C TRP D 114 10.42 -16.96 12.59
N GLY D 115 11.45 -17.14 13.41
CA GLY D 115 11.50 -18.23 14.38
C GLY D 115 10.60 -17.90 15.56
N GLN D 116 10.40 -18.87 16.46
CA GLN D 116 9.36 -18.75 17.50
C GLN D 116 9.71 -17.83 18.67
N GLY D 117 11.00 -17.57 18.87
CA GLY D 117 11.46 -16.74 19.98
C GLY D 117 11.84 -17.60 21.17
N THR D 118 12.99 -17.31 21.78
CA THR D 118 13.39 -18.02 22.98
C THR D 118 14.02 -17.10 24.03
N GLN D 119 13.70 -17.36 25.29
CA GLN D 119 14.13 -16.53 26.41
C GLN D 119 15.61 -16.72 26.77
N VAL D 120 16.35 -15.61 26.80
CA VAL D 120 17.69 -15.63 27.38
C VAL D 120 17.68 -14.76 28.63
N THR D 121 18.12 -15.33 29.75
CA THR D 121 18.24 -14.58 31.01
C THR D 121 19.67 -14.57 31.52
N VAL D 122 20.19 -13.37 31.74
CA VAL D 122 21.50 -13.18 32.34
C VAL D 122 21.26 -12.68 33.76
N SER D 123 21.72 -13.44 34.75
CA SER D 123 21.46 -13.12 36.14
C SER D 123 22.78 -12.80 36.86
N SER D 124 22.67 -12.38 38.12
CA SER D 124 23.80 -12.32 39.06
C SER D 124 24.96 -11.47 38.55
#